data_5J7R
#
_entry.id   5J7R
#
_cell.length_a   118.212
_cell.length_b   118.212
_cell.length_c   71.836
_cell.angle_alpha   90.00
_cell.angle_beta   90.00
_cell.angle_gamma   120.00
#
_symmetry.space_group_name_H-M   'P 32 2 1'
#
loop_
_entity.id
_entity.type
_entity.pdbx_description
1 polymer 'Putative Lipoprotein'
2 non-polymer 'MAGNESIUM ION'
3 non-polymer 'CHLORIDE ION'
4 non-polymer DI(HYDROXYETHYL)ETHER
5 water water
#
_entity_poly.entity_id   1
_entity_poly.type   'polypeptide(L)'
_entity_poly.pdbx_seq_one_letter_code
;SNADKLAANNNERVKTIANDLIGDIDLSLYFDGTKDEQNPKIEQQEILVDGDEILGQYLIQALIQGPSQKGSLAPILPKD
TKLLSFDIKDDIAIINLSKEAIVN(MSE)SATKEQATLEGIIATITQIPSINKINILVDNQ(MSE)VDSLGGNFDISKPF
GKEDIPNLKINN
;
_entity_poly.pdbx_strand_id   A,B,C,D
#
loop_
_chem_comp.id
_chem_comp.type
_chem_comp.name
_chem_comp.formula
CL non-polymer 'CHLORIDE ION' 'Cl -1'
MG non-polymer 'MAGNESIUM ION' 'Mg 2'
PEG non-polymer DI(HYDROXYETHYL)ETHER 'C4 H10 O3'
#
# COMPACT_ATOMS: atom_id res chain seq x y z
N ILE A 17 23.57 12.51 -5.15
CA ILE A 17 22.52 12.56 -4.10
C ILE A 17 22.68 13.85 -3.28
N ALA A 18 21.55 14.51 -2.98
CA ALA A 18 21.57 15.75 -2.21
C ALA A 18 21.99 15.48 -0.78
N ASN A 19 22.79 16.38 -0.21
CA ASN A 19 23.27 16.22 1.16
C ASN A 19 22.57 17.18 2.14
N ASP A 20 21.25 17.32 1.99
CA ASP A 20 20.47 18.17 2.89
C ASP A 20 20.54 17.53 4.26
N LEU A 21 20.75 18.36 5.27
CA LEU A 21 20.89 17.89 6.64
C LEU A 21 19.64 17.20 7.17
N ILE A 22 18.49 17.88 7.11
CA ILE A 22 17.21 17.31 7.57
C ILE A 22 16.23 17.03 6.41
N GLY A 23 16.22 17.89 5.39
CA GLY A 23 15.33 17.71 4.22
C GLY A 23 13.88 18.10 4.49
N ASP A 24 13.03 18.00 3.46
CA ASP A 24 11.62 18.39 3.58
C ASP A 24 10.80 17.40 4.40
N ILE A 25 9.83 17.91 5.16
CA ILE A 25 8.92 17.06 5.95
C ILE A 25 7.51 17.52 5.58
N ASP A 26 6.75 16.63 4.97
CA ASP A 26 5.43 16.96 4.50
C ASP A 26 4.45 16.60 5.63
N LEU A 27 3.82 17.62 6.22
CA LEU A 27 2.91 17.44 7.33
C LEU A 27 1.63 18.25 7.18
N SER A 28 0.81 18.17 8.21
CA SER A 28 -0.45 18.92 8.27
C SER A 28 -0.63 19.79 9.50
N LEU A 29 -1.34 20.88 9.28
CA LEU A 29 -1.73 21.81 10.31
C LEU A 29 -3.22 21.62 10.42
N TYR A 30 -3.71 21.41 11.64
CA TYR A 30 -5.13 21.22 11.86
C TYR A 30 -5.77 22.46 12.40
N PHE A 31 -6.65 23.05 11.59
CA PHE A 31 -7.38 24.26 11.97
C PHE A 31 -8.85 23.94 12.22
N ASP A 32 -9.61 24.95 12.60
CA ASP A 32 -11.03 24.78 12.88
C ASP A 32 -11.85 24.72 11.58
N GLY A 33 -12.48 23.56 11.34
CA GLY A 33 -13.33 23.35 10.16
C GLY A 33 -14.80 23.14 10.56
N THR A 34 -15.20 23.71 11.70
CA THR A 34 -16.56 23.56 12.22
C THR A 34 -17.66 24.37 11.50
N LYS A 35 -18.78 23.68 11.32
CA LYS A 35 -19.97 24.25 10.69
C LYS A 35 -21.13 24.07 11.68
N ASP A 36 -21.34 22.82 12.08
CA ASP A 36 -22.38 22.46 13.04
C ASP A 36 -21.90 22.71 14.46
N GLU A 37 -22.45 23.75 15.11
CA GLU A 37 -22.10 24.07 16.50
C GLU A 37 -22.26 22.89 17.49
N GLN A 38 -22.81 21.76 17.04
CA GLN A 38 -22.99 20.57 17.86
C GLN A 38 -21.70 19.73 17.89
N ASN A 39 -21.05 19.62 16.74
CA ASN A 39 -19.83 18.83 16.60
C ASN A 39 -18.56 19.59 16.20
N PRO A 40 -17.61 19.75 17.15
CA PRO A 40 -16.37 20.45 16.81
C PRO A 40 -15.57 19.57 15.85
N LYS A 41 -15.08 20.19 14.78
CA LYS A 41 -14.35 19.48 13.76
C LYS A 41 -13.09 20.22 13.30
N ILE A 42 -12.03 19.45 13.05
CA ILE A 42 -10.75 20.00 12.59
C ILE A 42 -10.42 19.45 11.20
N GLU A 43 -9.91 20.32 10.33
CA GLU A 43 -9.52 19.95 8.96
C GLU A 43 -8.04 20.28 8.73
N GLN A 44 -7.37 19.45 7.95
CA GLN A 44 -5.97 19.64 7.67
C GLN A 44 -5.70 20.66 6.60
N GLN A 45 -4.54 21.28 6.72
CA GLN A 45 -3.99 22.22 5.75
C GLN A 45 -2.54 21.79 5.66
N GLU A 46 -2.10 21.40 4.49
CA GLU A 46 -0.71 20.93 4.34
C GLU A 46 0.40 21.99 4.58
N ILE A 47 1.51 21.55 5.16
CA ILE A 47 2.68 22.40 5.38
C ILE A 47 3.94 21.59 5.03
N LEU A 48 4.73 22.06 4.07
CA LEU A 48 5.94 21.38 3.71
C LEU A 48 7.00 22.12 4.50
N VAL A 49 7.44 21.47 5.59
CA VAL A 49 8.44 22.05 6.44
C VAL A 49 9.78 21.73 5.83
N ASP A 50 10.51 22.75 5.47
CA ASP A 50 11.85 22.61 4.90
C ASP A 50 12.83 22.59 6.07
N GLY A 51 13.34 21.41 6.44
CA GLY A 51 14.22 21.28 7.60
C GLY A 51 15.44 22.17 7.69
N ASP A 52 16.18 22.27 6.58
CA ASP A 52 17.36 23.13 6.55
C ASP A 52 16.97 24.59 6.79
N GLU A 53 15.79 25.02 6.31
CA GLU A 53 15.36 26.41 6.55
C GLU A 53 15.00 26.60 8.00
N ILE A 54 14.31 25.65 8.61
CA ILE A 54 13.97 25.82 10.03
C ILE A 54 15.22 25.76 10.90
N LEU A 55 16.20 24.93 10.55
CA LEU A 55 17.44 24.83 11.31
C LEU A 55 18.25 26.13 11.15
N GLY A 56 18.41 26.57 9.91
CA GLY A 56 19.12 27.80 9.62
C GLY A 56 18.48 28.97 10.35
N GLN A 57 17.16 29.01 10.31
CA GLN A 57 16.42 30.07 10.98
C GLN A 57 16.71 30.06 12.48
N TYR A 58 16.74 28.86 13.07
CA TYR A 58 17.01 28.72 14.48
C TYR A 58 18.43 29.22 14.81
N LEU A 59 19.40 28.83 13.98
CA LEU A 59 20.80 29.26 14.14
C LEU A 59 20.95 30.77 14.10
N ILE A 60 20.33 31.43 13.11
CA ILE A 60 20.41 32.89 13.03
C ILE A 60 19.78 33.52 14.26
N GLN A 61 18.71 32.89 14.76
CA GLN A 61 18.01 33.43 15.92
C GLN A 61 18.92 33.31 17.09
N ALA A 62 19.64 32.19 17.14
CA ALA A 62 20.58 31.93 18.22
C ALA A 62 21.75 32.93 18.22
N LEU A 63 22.22 33.33 17.05
CA LEU A 63 23.29 34.32 16.93
C LEU A 63 22.83 35.68 17.43
N ILE A 64 21.60 36.05 17.09
CA ILE A 64 21.01 37.32 17.52
C ILE A 64 20.86 37.37 19.04
N GLN A 65 20.49 36.25 19.65
CA GLN A 65 20.34 36.20 21.11
C GLN A 65 21.67 36.48 21.80
N GLY A 66 22.78 36.20 21.10
CA GLY A 66 24.12 36.47 21.64
C GLY A 66 24.75 35.32 22.40
N PRO A 67 26.03 35.49 22.76
CA PRO A 67 26.76 34.46 23.48
C PRO A 67 26.35 34.39 24.95
N SER A 68 26.66 33.26 25.59
CA SER A 68 26.35 33.04 27.00
C SER A 68 27.12 34.09 27.86
N GLN A 69 26.42 34.63 28.85
CA GLN A 69 26.98 35.64 29.77
C GLN A 69 28.06 34.99 30.63
N LYS A 70 28.01 33.66 30.71
CA LYS A 70 28.99 32.88 31.47
C LYS A 70 30.31 32.69 30.71
N GLY A 71 30.36 33.18 29.46
CA GLY A 71 31.56 33.07 28.64
C GLY A 71 32.24 34.40 28.42
N SER A 72 33.23 34.41 27.56
CA SER A 72 34.00 35.61 27.24
C SER A 72 33.78 36.17 25.83
N LEU A 73 32.91 35.52 25.06
CA LEU A 73 32.66 35.94 23.68
C LEU A 73 31.78 37.18 23.60
N ALA A 74 31.90 37.91 22.50
CA ALA A 74 31.12 39.12 22.24
C ALA A 74 30.09 38.89 21.14
N PRO A 75 28.98 39.64 21.16
CA PRO A 75 27.96 39.48 20.11
C PRO A 75 28.43 39.97 18.74
N ILE A 76 27.79 39.45 17.69
CA ILE A 76 28.10 39.81 16.31
C ILE A 76 26.99 40.64 15.63
N LEU A 77 25.82 40.70 16.24
CA LEU A 77 24.69 41.49 15.76
C LEU A 77 24.02 42.17 16.94
N PRO A 78 23.41 43.35 16.74
CA PRO A 78 22.71 44.02 17.83
C PRO A 78 21.60 43.14 18.43
N LYS A 79 21.41 43.24 19.74
CA LYS A 79 20.42 42.43 20.44
C LYS A 79 18.98 42.69 19.98
N ASP A 80 18.68 43.94 19.65
CA ASP A 80 17.33 44.31 19.17
C ASP A 80 17.05 43.89 17.71
N THR A 81 18.05 43.33 17.03
CA THR A 81 17.88 42.85 15.65
C THR A 81 16.80 41.79 15.62
N LYS A 82 16.05 41.75 14.54
CA LYS A 82 14.97 40.81 14.39
C LYS A 82 15.09 40.11 13.06
N LEU A 83 14.88 38.80 13.07
CA LEU A 83 14.92 38.02 11.85
C LEU A 83 13.54 38.11 11.18
N LEU A 84 13.45 38.79 10.04
CA LEU A 84 12.20 38.93 9.33
C LEU A 84 11.83 37.65 8.60
N SER A 85 12.82 37.05 7.94
CA SER A 85 12.60 35.79 7.23
C SER A 85 13.93 35.13 6.88
N PHE A 86 13.86 33.82 6.66
CA PHE A 86 15.03 33.05 6.29
C PHE A 86 14.60 32.08 5.21
N ASP A 87 15.27 32.10 4.07
CA ASP A 87 14.94 31.23 2.95
C ASP A 87 16.20 30.72 2.28
N ILE A 88 16.14 29.51 1.74
CA ILE A 88 17.28 28.90 1.03
C ILE A 88 16.95 28.73 -0.45
N LYS A 89 17.61 29.53 -1.29
CA LYS A 89 17.42 29.45 -2.73
C LYS A 89 18.65 28.78 -3.31
N ASP A 90 18.49 27.51 -3.67
CA ASP A 90 19.57 26.68 -4.23
C ASP A 90 20.65 26.51 -3.13
N ASP A 91 21.82 27.13 -3.27
CA ASP A 91 22.87 27.02 -2.25
C ASP A 91 23.10 28.35 -1.51
N ILE A 92 22.15 29.28 -1.64
CA ILE A 92 22.27 30.58 -1.00
C ILE A 92 21.23 30.72 0.11
N ALA A 93 21.69 31.22 1.25
CA ALA A 93 20.82 31.47 2.39
C ALA A 93 20.47 32.95 2.41
N ILE A 94 19.20 33.26 2.17
CA ILE A 94 18.71 34.63 2.15
C ILE A 94 18.32 34.95 3.58
N ILE A 95 19.16 35.72 4.24
CA ILE A 95 18.94 36.11 5.63
C ILE A 95 18.40 37.52 5.63
N ASN A 96 17.10 37.64 5.89
CA ASN A 96 16.43 38.92 5.88
C ASN A 96 16.29 39.47 7.30
N LEU A 97 17.03 40.54 7.58
CA LEU A 97 17.05 41.16 8.90
C LEU A 97 16.30 42.49 8.92
N SER A 98 16.04 42.99 10.11
CA SER A 98 15.37 44.28 10.28
C SER A 98 16.39 45.40 10.24
N LYS A 99 15.90 46.64 10.23
CA LYS A 99 16.75 47.84 10.20
C LYS A 99 17.75 47.94 11.38
N GLU A 100 17.42 47.36 12.53
CA GLU A 100 18.28 47.39 13.72
C GLU A 100 19.67 46.77 13.49
N ALA A 101 19.78 45.90 12.48
CA ALA A 101 21.07 45.26 12.16
C ALA A 101 22.10 46.22 11.60
N ILE A 102 21.63 47.33 11.03
CA ILE A 102 22.52 48.33 10.43
C ILE A 102 22.95 49.34 11.51
N VAL A 103 24.22 49.29 11.88
CA VAL A 103 24.82 50.18 12.88
C VAL A 103 26.25 50.50 12.46
N ASN A 104 26.86 51.47 13.14
CA ASN A 104 28.25 51.84 12.83
C ASN A 104 29.18 50.83 13.46
N MSE A 105 30.03 50.21 12.65
CA MSE A 105 30.99 49.22 13.15
C MSE A 105 32.37 49.42 12.58
O MSE A 105 32.53 49.98 11.50
CB MSE A 105 30.63 47.80 12.70
CG MSE A 105 29.24 47.29 13.11
SE MSE A 105 28.98 45.47 12.37
CE MSE A 105 27.02 45.42 12.40
N SER A 106 33.37 48.94 13.33
CA SER A 106 34.76 49.02 12.88
C SER A 106 34.94 47.90 11.87
N ALA A 107 35.91 48.05 10.97
CA ALA A 107 36.14 47.03 9.95
C ALA A 107 36.49 45.65 10.53
N THR A 108 37.14 45.64 11.69
CA THR A 108 37.51 44.37 12.33
C THR A 108 36.26 43.71 12.95
N LYS A 109 35.38 44.50 13.54
CA LYS A 109 34.15 43.96 14.15
C LYS A 109 33.19 43.48 13.06
N GLU A 110 33.03 44.29 12.01
CA GLU A 110 32.13 43.94 10.90
C GLU A 110 32.62 42.68 10.20
N GLN A 111 33.92 42.51 10.06
CA GLN A 111 34.46 41.32 9.40
C GLN A 111 34.17 40.08 10.24
N ALA A 112 34.23 40.21 11.56
CA ALA A 112 33.96 39.09 12.47
C ALA A 112 32.49 38.69 12.37
N THR A 113 31.63 39.69 12.24
CA THR A 113 30.19 39.47 12.10
C THR A 113 29.89 38.64 10.86
N LEU A 114 30.41 39.08 9.71
CA LEU A 114 30.16 38.36 8.46
C LEU A 114 30.78 36.95 8.48
N GLU A 115 31.98 36.82 9.04
CA GLU A 115 32.62 35.51 9.13
C GLU A 115 31.86 34.60 10.11
N GLY A 116 31.30 35.18 11.18
CA GLY A 116 30.54 34.43 12.17
C GLY A 116 29.22 33.87 11.63
N ILE A 117 28.53 34.70 10.84
CA ILE A 117 27.28 34.28 10.22
C ILE A 117 27.58 33.15 9.22
N ILE A 118 28.58 33.35 8.37
CA ILE A 118 28.97 32.34 7.38
C ILE A 118 29.42 31.05 8.01
N ALA A 119 30.29 31.13 9.01
CA ALA A 119 30.78 29.93 9.67
C ALA A 119 29.62 29.17 10.32
N THR A 120 28.65 29.91 10.86
CA THR A 120 27.51 29.28 11.52
C THR A 120 26.56 28.65 10.51
N ILE A 121 26.16 29.42 9.51
CA ILE A 121 25.24 28.96 8.47
C ILE A 121 25.78 27.90 7.53
N THR A 122 27.05 28.02 7.11
CA THR A 122 27.63 27.02 6.20
C THR A 122 27.78 25.64 6.82
N GLN A 123 27.40 25.49 8.09
CA GLN A 123 27.40 24.17 8.73
C GLN A 123 26.33 23.34 8.05
N ILE A 124 25.30 24.01 7.53
CA ILE A 124 24.22 23.34 6.82
C ILE A 124 24.83 23.06 5.43
N PRO A 125 25.12 21.78 5.11
CA PRO A 125 25.79 21.41 3.84
C PRO A 125 25.23 22.03 2.56
N SER A 126 23.92 22.16 2.48
CA SER A 126 23.27 22.73 1.30
C SER A 126 23.60 24.22 1.08
N ILE A 127 24.18 24.88 2.08
CA ILE A 127 24.49 26.30 1.96
C ILE A 127 25.99 26.56 1.79
N ASN A 128 26.31 27.33 0.76
CA ASN A 128 27.69 27.73 0.45
C ASN A 128 27.88 29.25 0.47
N LYS A 129 26.78 29.99 0.36
CA LYS A 129 26.83 31.45 0.36
C LYS A 129 25.65 32.03 1.11
N ILE A 130 25.77 33.31 1.51
CA ILE A 130 24.69 34.00 2.21
C ILE A 130 24.41 35.32 1.49
N ASN A 131 23.16 35.74 1.55
CA ASN A 131 22.72 36.96 0.96
C ASN A 131 21.94 37.65 2.06
N ILE A 132 22.54 38.68 2.65
CA ILE A 132 21.90 39.43 3.72
C ILE A 132 21.06 40.56 3.14
N LEU A 133 19.83 40.66 3.62
CA LEU A 133 18.89 41.69 3.19
C LEU A 133 18.39 42.37 4.44
N VAL A 134 17.92 43.59 4.28
CA VAL A 134 17.39 44.38 5.38
C VAL A 134 16.03 44.86 4.92
N ASP A 135 15.01 44.57 5.73
CA ASP A 135 13.61 44.97 5.44
C ASP A 135 13.18 44.51 4.05
N ASN A 136 13.47 43.24 3.75
N ASN A 136 13.47 43.24 3.75
CA ASN A 136 13.14 42.58 2.48
CA ASN A 136 13.14 42.59 2.48
C ASN A 136 13.86 43.20 1.26
C ASN A 136 13.85 43.21 1.27
N GLN A 137 14.80 44.12 1.49
CA GLN A 137 15.50 44.80 0.38
C GLN A 137 17.01 44.65 0.45
N MSE A 138 17.65 44.95 -0.68
CA MSE A 138 19.10 44.89 -0.80
C MSE A 138 19.74 46.02 -0.08
O MSE A 138 19.17 47.11 0.00
CB MSE A 138 19.43 45.07 -2.30
CG MSE A 138 20.92 44.91 -2.61
SE MSE A 138 21.53 46.73 -3.03
CE MSE A 138 21.62 46.42 -4.95
N VAL A 139 20.94 45.79 0.46
CA VAL A 139 21.72 46.82 1.17
C VAL A 139 23.20 46.76 0.82
N ASP A 140 23.84 47.93 0.81
CA ASP A 140 25.26 48.03 0.49
C ASP A 140 26.14 47.52 1.63
N SER A 141 25.78 47.80 2.89
CA SER A 141 26.60 47.38 4.03
C SER A 141 25.88 47.46 5.38
N LEU A 142 26.29 46.61 6.33
CA LEU A 142 25.73 46.63 7.69
C LEU A 142 26.46 47.62 8.55
N GLY A 143 27.79 47.49 8.57
CA GLY A 143 28.67 48.34 9.37
C GLY A 143 29.26 49.53 8.66
N GLY A 144 29.41 49.43 7.34
CA GLY A 144 29.97 50.50 6.53
C GLY A 144 31.26 50.09 5.80
N ASN A 145 31.94 49.06 6.32
CA ASN A 145 33.23 48.64 5.72
C ASN A 145 33.20 47.46 4.73
N PHE A 146 32.06 46.81 4.56
CA PHE A 146 31.95 45.66 3.66
C PHE A 146 30.74 45.73 2.77
N ASP A 147 30.95 45.39 1.50
CA ASP A 147 29.91 45.38 0.49
C ASP A 147 29.15 44.06 0.51
N ILE A 148 27.88 44.12 0.91
CA ILE A 148 26.99 42.94 0.96
C ILE A 148 25.82 43.11 -0.02
N SER A 149 26.13 43.72 -1.15
CA SER A 149 25.15 44.00 -2.20
C SER A 149 24.72 42.73 -2.93
N LYS A 150 25.61 41.74 -3.01
CA LYS A 150 25.31 40.48 -3.69
C LYS A 150 25.60 39.29 -2.74
N PRO A 151 25.26 38.06 -3.17
CA PRO A 151 25.56 36.90 -2.31
C PRO A 151 27.07 36.71 -2.16
N PHE A 152 27.51 36.15 -1.03
CA PHE A 152 28.94 35.94 -0.79
C PHE A 152 29.23 34.78 0.14
N GLY A 153 30.41 34.20 0.00
CA GLY A 153 30.88 33.09 0.83
C GLY A 153 32.10 33.55 1.61
N LYS A 154 32.77 32.62 2.29
CA LYS A 154 33.96 32.94 3.09
C LYS A 154 35.07 33.57 2.23
N GLU A 155 35.38 32.91 1.11
N GLU A 155 35.37 32.92 1.10
CA GLU A 155 36.41 33.36 0.16
CA GLU A 155 36.40 33.36 0.17
C GLU A 155 36.22 34.79 -0.35
C GLU A 155 36.22 34.79 -0.35
N ASP A 156 34.97 35.19 -0.56
CA ASP A 156 34.64 36.51 -1.07
C ASP A 156 34.79 37.68 -0.09
N ILE A 157 34.93 37.42 1.20
CA ILE A 157 35.00 38.51 2.22
C ILE A 157 36.10 39.56 2.00
N PRO A 158 37.39 39.14 1.86
CA PRO A 158 38.45 40.15 1.63
C PRO A 158 38.23 41.03 0.39
N ASN A 159 37.64 40.46 -0.66
CA ASN A 159 37.35 41.18 -1.91
C ASN A 159 36.21 42.20 -1.81
N LEU A 160 35.40 42.10 -0.76
CA LEU A 160 34.25 43.00 -0.56
C LEU A 160 34.54 44.19 0.35
N LYS A 161 35.80 44.41 0.70
CA LYS A 161 36.15 45.50 1.59
C LYS A 161 36.09 46.84 0.86
N ILE A 162 35.43 47.82 1.49
CA ILE A 162 35.26 49.16 0.94
C ILE A 162 35.54 50.21 2.00
N THR B 16 -26.49 -12.31 1.20
CA THR B 16 -25.69 -11.05 1.27
C THR B 16 -24.18 -11.31 1.19
N ILE B 17 -23.68 -12.15 2.09
CA ILE B 17 -22.25 -12.51 2.14
C ILE B 17 -22.06 -14.02 2.32
N ALA B 18 -21.10 -14.60 1.60
CA ALA B 18 -20.83 -16.04 1.71
C ALA B 18 -20.24 -16.37 3.08
N ASN B 19 -20.65 -17.49 3.65
CA ASN B 19 -20.16 -17.91 4.96
C ASN B 19 -19.21 -19.11 4.88
N ASP B 20 -18.29 -19.07 3.93
CA ASP B 20 -17.30 -20.16 3.79
C ASP B 20 -16.43 -20.16 5.02
N LEU B 21 -16.18 -21.34 5.57
CA LEU B 21 -15.41 -21.50 6.79
C LEU B 21 -13.97 -20.99 6.68
N ILE B 22 -13.24 -21.51 5.69
CA ILE B 22 -11.85 -21.09 5.47
C ILE B 22 -11.75 -20.25 4.19
N GLY B 23 -12.56 -20.60 3.18
CA GLY B 23 -12.55 -19.89 1.91
C GLY B 23 -11.38 -20.29 1.04
N ASP B 24 -11.34 -19.73 -0.16
CA ASP B 24 -10.24 -19.95 -1.08
C ASP B 24 -9.02 -19.23 -0.49
N ILE B 25 -7.85 -19.83 -0.70
CA ILE B 25 -6.60 -19.25 -0.22
C ILE B 25 -5.69 -19.24 -1.42
N ASP B 26 -5.38 -18.03 -1.90
CA ASP B 26 -4.54 -17.88 -3.08
C ASP B 26 -3.08 -17.85 -2.62
N LEU B 27 -2.33 -18.88 -3.00
CA LEU B 27 -0.93 -19.01 -2.59
C LEU B 27 -0.04 -19.40 -3.76
N SER B 28 1.23 -19.56 -3.44
CA SER B 28 2.20 -19.97 -4.40
C SER B 28 3.00 -21.19 -3.97
N LEU B 29 3.38 -21.98 -4.97
CA LEU B 29 4.22 -23.15 -4.78
C LEU B 29 5.52 -22.75 -5.44
N TYR B 30 6.63 -22.93 -4.74
CA TYR B 30 7.93 -22.54 -5.27
C TYR B 30 8.69 -23.76 -5.73
N PHE B 31 8.91 -23.84 -7.04
CA PHE B 31 9.65 -24.92 -7.64
C PHE B 31 11.00 -24.42 -8.16
N ASP B 32 11.79 -25.34 -8.72
CA ASP B 32 13.11 -25.01 -9.25
C ASP B 32 13.00 -24.32 -10.62
N GLY B 33 13.41 -23.05 -10.67
CA GLY B 33 13.41 -22.27 -11.90
C GLY B 33 14.81 -21.92 -12.37
N THR B 34 15.79 -22.72 -11.94
CA THR B 34 17.17 -22.53 -12.33
C THR B 34 17.19 -23.13 -13.73
N LYS B 35 17.63 -22.39 -14.75
CA LYS B 35 17.59 -22.84 -16.14
C LYS B 35 18.93 -22.96 -16.84
N ASP B 36 19.69 -21.86 -16.76
CA ASP B 36 21.01 -21.69 -17.31
C ASP B 36 21.76 -21.18 -16.09
N GLU B 37 22.95 -20.60 -16.30
CA GLU B 37 23.74 -20.12 -15.18
C GLU B 37 23.88 -21.19 -14.12
N GLN B 38 24.39 -20.80 -12.95
CA GLN B 38 24.56 -21.73 -11.85
C GLN B 38 24.23 -20.99 -10.55
N ASN B 39 23.28 -20.06 -10.65
CA ASN B 39 22.87 -19.31 -9.47
C ASN B 39 21.49 -19.99 -9.23
N PRO B 40 21.33 -20.69 -8.09
CA PRO B 40 20.05 -21.38 -7.83
C PRO B 40 18.89 -20.38 -7.68
N LYS B 41 17.78 -20.67 -8.36
CA LYS B 41 16.61 -19.80 -8.36
C LYS B 41 15.28 -20.57 -8.27
N ILE B 42 14.34 -20.01 -7.52
CA ILE B 42 13.02 -20.60 -7.35
C ILE B 42 11.97 -19.66 -7.93
N GLU B 43 10.96 -20.23 -8.59
CA GLU B 43 9.89 -19.44 -9.20
C GLU B 43 8.57 -19.94 -8.68
N GLN B 44 7.61 -19.03 -8.58
CA GLN B 44 6.31 -19.38 -8.11
C GLN B 44 5.39 -19.97 -9.16
N GLN B 45 4.48 -20.80 -8.68
CA GLN B 45 3.44 -21.39 -9.48
C GLN B 45 2.24 -21.22 -8.61
N GLU B 46 1.24 -20.48 -9.06
CA GLU B 46 0.06 -20.24 -8.24
C GLU B 46 -0.84 -21.46 -7.94
N ILE B 47 -1.40 -21.49 -6.73
CA ILE B 47 -2.29 -22.57 -6.32
C ILE B 47 -3.43 -21.95 -5.55
N LEU B 48 -4.66 -22.12 -6.02
CA LEU B 48 -5.81 -21.61 -5.32
C LEU B 48 -6.31 -22.79 -4.50
N VAL B 49 -6.00 -22.77 -3.22
CA VAL B 49 -6.40 -23.84 -2.32
C VAL B 49 -7.81 -23.56 -1.86
N ASP B 50 -8.72 -24.50 -2.07
CA ASP B 50 -10.11 -24.36 -1.63
C ASP B 50 -10.19 -24.91 -0.21
N GLY B 51 -10.18 -24.03 0.80
CA GLY B 51 -10.21 -24.47 2.20
C GLY B 51 -11.29 -25.40 2.66
N ASP B 52 -12.53 -25.12 2.28
CA ASP B 52 -13.65 -25.96 2.68
C ASP B 52 -13.49 -27.37 2.08
N GLU B 53 -12.89 -27.49 0.88
CA GLU B 53 -12.70 -28.82 0.27
C GLU B 53 -11.61 -29.57 0.99
N ILE B 54 -10.52 -28.89 1.37
CA ILE B 54 -9.45 -29.59 2.11
C ILE B 54 -9.95 -30.00 3.49
N LEU B 55 -10.75 -29.16 4.14
CA LEU B 55 -11.31 -29.49 5.46
C LEU B 55 -12.30 -30.66 5.34
N GLY B 56 -13.21 -30.56 4.38
CA GLY B 56 -14.21 -31.61 4.17
C GLY B 56 -13.54 -32.92 3.88
N GLN B 57 -12.51 -32.86 3.05
CA GLN B 57 -11.75 -34.04 2.68
C GLN B 57 -11.11 -34.68 3.92
N TYR B 58 -10.55 -33.84 4.79
CA TYR B 58 -9.95 -34.33 6.03
C TYR B 58 -11.01 -35.00 6.91
N LEU B 59 -12.18 -34.37 7.06
CA LEU B 59 -13.29 -34.90 7.86
C LEU B 59 -13.75 -36.27 7.37
N ILE B 60 -13.93 -36.43 6.06
CA ILE B 60 -14.36 -37.72 5.51
C ILE B 60 -13.29 -38.76 5.76
N GLN B 61 -12.04 -38.36 5.63
CA GLN B 61 -10.93 -39.28 5.88
C GLN B 61 -10.94 -39.68 7.35
N ALA B 62 -11.28 -38.75 8.21
CA ALA B 62 -11.35 -39.03 9.64
C ALA B 62 -12.49 -40.01 9.96
N LEU B 63 -13.61 -39.90 9.25
CA LEU B 63 -14.76 -40.81 9.48
C LEU B 63 -14.39 -42.22 9.05
N ILE B 64 -13.69 -42.35 7.94
CA ILE B 64 -13.23 -43.65 7.43
C ILE B 64 -12.28 -44.31 8.42
N GLN B 65 -11.41 -43.53 9.07
CA GLN B 65 -10.48 -44.10 10.04
C GLN B 65 -11.23 -44.72 11.23
N GLY B 66 -12.45 -44.25 11.47
CA GLY B 66 -13.29 -44.76 12.55
C GLY B 66 -13.20 -44.02 13.86
N PRO B 67 -14.11 -44.35 14.78
CA PRO B 67 -14.13 -43.68 16.08
C PRO B 67 -12.98 -44.10 16.96
N SER B 68 -12.73 -43.29 17.97
CA SER B 68 -11.68 -43.58 18.91
C SER B 68 -11.94 -44.91 19.59
N GLN B 69 -10.90 -45.73 19.72
CA GLN B 69 -11.00 -47.03 20.36
C GLN B 69 -11.26 -46.80 21.88
N LYS B 70 -10.95 -45.59 22.38
CA LYS B 70 -11.14 -45.23 23.80
C LYS B 70 -12.59 -44.85 24.10
N GLY B 71 -13.44 -44.82 23.08
CA GLY B 71 -14.85 -44.49 23.22
C GLY B 71 -15.72 -45.69 23.00
N SER B 72 -17.03 -45.46 23.00
CA SER B 72 -18.02 -46.52 22.83
C SER B 72 -18.72 -46.51 21.47
N LEU B 73 -18.36 -45.61 20.57
CA LEU B 73 -19.02 -45.52 19.27
C LEU B 73 -18.56 -46.57 18.29
N ALA B 74 -19.39 -46.86 17.30
CA ALA B 74 -19.11 -47.84 16.25
C ALA B 74 -18.85 -47.13 14.92
N PRO B 75 -18.08 -47.76 14.02
CA PRO B 75 -17.82 -47.15 12.73
C PRO B 75 -19.05 -47.02 11.85
N ILE B 76 -18.97 -46.09 10.91
CA ILE B 76 -20.05 -45.83 9.97
C ILE B 76 -19.72 -46.25 8.53
N LEU B 77 -18.45 -46.48 8.23
CA LEU B 77 -17.99 -46.92 6.91
C LEU B 77 -16.93 -47.99 7.11
N PRO B 78 -16.78 -48.92 6.14
CA PRO B 78 -15.74 -49.95 6.26
C PRO B 78 -14.34 -49.35 6.33
N LYS B 79 -13.45 -49.98 7.10
CA LYS B 79 -12.08 -49.47 7.27
C LYS B 79 -11.29 -49.40 5.97
N ASP B 80 -11.50 -50.37 5.10
CA ASP B 80 -10.77 -50.43 3.83
C ASP B 80 -11.29 -49.42 2.78
N THR B 81 -12.36 -48.68 3.12
CA THR B 81 -12.92 -47.67 2.21
C THR B 81 -11.87 -46.62 1.92
N LYS B 82 -11.88 -46.11 0.70
CA LYS B 82 -10.93 -45.11 0.29
C LYS B 82 -11.63 -43.95 -0.32
N LEU B 83 -11.20 -42.75 0.03
CA LEU B 83 -11.77 -41.54 -0.52
C LEU B 83 -11.07 -41.25 -1.87
N LEU B 84 -11.80 -41.41 -2.97
CA LEU B 84 -11.25 -41.16 -4.30
C LEU B 84 -11.11 -39.66 -4.57
N SER B 85 -12.15 -38.91 -4.24
CA SER B 85 -12.13 -37.47 -4.40
C SER B 85 -13.22 -36.80 -3.60
N PHE B 86 -13.02 -35.53 -3.29
CA PHE B 86 -13.97 -34.73 -2.56
C PHE B 86 -14.04 -33.35 -3.23
N ASP B 87 -15.24 -32.95 -3.64
CA ASP B 87 -15.43 -31.67 -4.33
C ASP B 87 -16.72 -31.00 -3.85
N ILE B 88 -16.73 -29.67 -3.84
CA ILE B 88 -17.90 -28.90 -3.42
C ILE B 88 -18.46 -28.12 -4.60
N LYS B 89 -19.61 -28.57 -5.12
CA LYS B 89 -20.30 -27.89 -6.23
C LYS B 89 -21.47 -27.12 -5.63
N ASP B 90 -21.30 -25.80 -5.54
CA ASP B 90 -22.30 -24.90 -4.95
C ASP B 90 -22.47 -25.27 -3.45
N ASP B 91 -23.61 -25.85 -3.06
CA ASP B 91 -23.84 -26.23 -1.67
C ASP B 91 -23.88 -27.75 -1.49
N ILE B 92 -23.38 -28.47 -2.49
CA ILE B 92 -23.38 -29.93 -2.44
C ILE B 92 -21.96 -30.45 -2.34
N ALA B 93 -21.75 -31.41 -1.45
CA ALA B 93 -20.46 -32.03 -1.24
C ALA B 93 -20.49 -33.35 -1.97
N ILE B 94 -19.69 -33.44 -3.04
CA ILE B 94 -19.59 -34.64 -3.85
C ILE B 94 -18.53 -35.53 -3.20
N ILE B 95 -18.98 -36.56 -2.50
CA ILE B 95 -18.10 -37.47 -1.79
C ILE B 95 -17.97 -38.72 -2.63
N ASN B 96 -16.83 -38.84 -3.29
CA ASN B 96 -16.56 -39.98 -4.16
C ASN B 96 -15.75 -41.06 -3.43
N LEU B 97 -16.40 -42.19 -3.16
CA LEU B 97 -15.78 -43.30 -2.45
C LEU B 97 -15.48 -44.46 -3.37
N SER B 98 -14.69 -45.41 -2.87
CA SER B 98 -14.32 -46.61 -3.63
C SER B 98 -15.40 -47.67 -3.45
N LYS B 99 -15.26 -48.78 -4.19
CA LYS B 99 -16.22 -49.90 -4.15
C LYS B 99 -16.33 -50.54 -2.75
N GLU B 100 -15.27 -50.48 -1.94
CA GLU B 100 -15.29 -51.04 -0.58
C GLU B 100 -16.38 -50.46 0.32
N ALA B 101 -16.88 -49.27 0.00
CA ALA B 101 -17.94 -48.62 0.80
C ALA B 101 -19.29 -49.33 0.67
N ILE B 102 -19.49 -50.07 -0.42
CA ILE B 102 -20.73 -50.80 -0.65
C ILE B 102 -20.65 -52.19 0.00
N VAL B 103 -21.44 -52.37 1.06
CA VAL B 103 -21.53 -53.64 1.81
C VAL B 103 -22.96 -53.86 2.26
N ASN B 104 -23.26 -55.05 2.77
CA ASN B 104 -24.61 -55.36 3.22
C ASN B 104 -24.79 -54.79 4.64
N MSE B 105 -25.77 -53.91 4.81
CA MSE B 105 -26.04 -53.29 6.10
C MSE B 105 -27.49 -53.32 6.48
O MSE B 105 -28.37 -53.39 5.61
CB MSE B 105 -25.72 -51.78 6.09
CG MSE B 105 -24.29 -51.39 5.70
SE MSE B 105 -24.14 -49.42 5.68
CE MSE B 105 -22.55 -49.26 4.53
N SER B 106 -27.76 -53.25 7.79
CA SER B 106 -29.12 -53.20 8.29
C SER B 106 -29.61 -51.77 8.09
N ALA B 107 -30.92 -51.59 8.01
CA ALA B 107 -31.49 -50.26 7.79
C ALA B 107 -31.13 -49.28 8.90
N THR B 108 -30.98 -49.79 10.12
CA THR B 108 -30.63 -48.93 11.25
C THR B 108 -29.17 -48.49 11.17
N LYS B 109 -28.29 -49.40 10.74
CA LYS B 109 -26.86 -49.09 10.64
C LYS B 109 -26.63 -48.15 9.45
N GLU B 110 -27.28 -48.43 8.32
CA GLU B 110 -27.14 -47.60 7.13
C GLU B 110 -27.67 -46.19 7.38
N GLN B 111 -28.76 -46.07 8.13
CA GLN B 111 -29.30 -44.75 8.42
C GLN B 111 -28.34 -43.94 9.30
N ALA B 112 -27.65 -44.62 10.21
CA ALA B 112 -26.68 -43.95 11.09
C ALA B 112 -25.51 -43.46 10.27
N THR B 113 -25.10 -44.25 9.28
CA THR B 113 -24.02 -43.90 8.40
C THR B 113 -24.31 -42.61 7.64
N LEU B 114 -25.47 -42.57 6.98
CA LEU B 114 -25.85 -41.39 6.22
C LEU B 114 -26.03 -40.16 7.12
N GLU B 115 -26.64 -40.34 8.29
CA GLU B 115 -26.81 -39.24 9.23
C GLU B 115 -25.47 -38.76 9.78
N GLY B 116 -24.55 -39.69 9.98
CA GLY B 116 -23.21 -39.36 10.49
C GLY B 116 -22.38 -38.56 9.50
N ILE B 117 -22.44 -38.94 8.24
CA ILE B 117 -21.71 -38.24 7.18
C ILE B 117 -22.28 -36.82 7.06
N ILE B 118 -23.61 -36.71 7.00
CA ILE B 118 -24.29 -35.41 6.90
C ILE B 118 -24.01 -34.52 8.10
N ALA B 119 -24.20 -35.05 9.30
CA ALA B 119 -23.93 -34.27 10.51
C ALA B 119 -22.47 -33.78 10.54
N THR B 120 -21.55 -34.60 10.05
CA THR B 120 -20.13 -34.24 10.08
C THR B 120 -19.82 -33.19 9.02
N ILE B 121 -20.26 -33.45 7.79
CA ILE B 121 -20.00 -32.55 6.67
C ILE B 121 -20.75 -31.24 6.72
N THR B 122 -22.03 -31.25 7.13
CA THR B 122 -22.81 -30.02 7.20
C THR B 122 -22.30 -29.02 8.25
N GLN B 123 -21.25 -29.39 8.98
CA GLN B 123 -20.61 -28.47 9.92
C GLN B 123 -19.96 -27.37 9.08
N ILE B 124 -19.58 -27.69 7.84
CA ILE B 124 -18.99 -26.72 6.94
C ILE B 124 -20.21 -25.95 6.42
N PRO B 125 -20.38 -24.66 6.83
CA PRO B 125 -21.57 -23.86 6.47
C PRO B 125 -21.98 -23.85 5.00
N SER B 126 -21.00 -23.84 4.11
CA SER B 126 -21.27 -23.83 2.68
C SER B 126 -21.94 -25.11 2.16
N ILE B 127 -21.97 -26.15 2.97
CA ILE B 127 -22.57 -27.41 2.56
C ILE B 127 -23.91 -27.67 3.26
N ASN B 128 -24.93 -27.96 2.44
CA ASN B 128 -26.28 -28.26 2.91
C ASN B 128 -26.73 -29.66 2.48
N LYS B 129 -26.08 -30.22 1.46
CA LYS B 129 -26.41 -31.56 0.97
C LYS B 129 -25.15 -32.33 0.57
N ILE B 130 -25.29 -33.64 0.45
CA ILE B 130 -24.18 -34.49 0.05
C ILE B 130 -24.64 -35.38 -1.09
N ASN B 131 -23.70 -35.71 -1.95
CA ASN B 131 -23.95 -36.56 -3.09
C ASN B 131 -22.85 -37.59 -3.03
N ILE B 132 -23.20 -38.81 -2.61
CA ILE B 132 -22.23 -39.89 -2.52
C ILE B 132 -22.15 -40.61 -3.85
N LEU B 133 -20.92 -40.83 -4.31
CA LEU B 133 -20.64 -41.52 -5.55
C LEU B 133 -19.68 -42.65 -5.21
N VAL B 134 -19.68 -43.68 -6.05
CA VAL B 134 -18.79 -44.79 -5.89
C VAL B 134 -18.06 -44.96 -7.21
N ASP B 135 -16.73 -44.96 -7.16
CA ASP B 135 -15.90 -45.12 -8.34
C ASP B 135 -16.26 -44.12 -9.43
N ASN B 136 -16.42 -42.87 -9.01
CA ASN B 136 -16.72 -41.73 -9.88
C ASN B 136 -18.11 -41.84 -10.53
N GLN B 137 -18.91 -42.82 -10.11
CA GLN B 137 -20.25 -43.03 -10.71
C GLN B 137 -21.38 -43.00 -9.69
N MSE B 138 -22.60 -42.84 -10.19
CA MSE B 138 -23.80 -42.79 -9.38
C MSE B 138 -24.13 -44.17 -8.90
O MSE B 138 -23.85 -45.15 -9.58
CB MSE B 138 -24.94 -42.28 -10.29
CG MSE B 138 -26.24 -41.91 -9.55
SE MSE B 138 -27.91 -42.35 -10.56
CE MSE B 138 -28.42 -40.51 -11.01
N VAL B 139 -24.72 -44.25 -7.70
CA VAL B 139 -25.12 -45.54 -7.11
C VAL B 139 -26.48 -45.43 -6.43
N ASP B 140 -27.22 -46.54 -6.45
CA ASP B 140 -28.56 -46.60 -5.86
C ASP B 140 -28.50 -46.66 -4.34
N SER B 141 -27.54 -47.41 -3.79
CA SER B 141 -27.44 -47.54 -2.33
C SER B 141 -26.10 -48.11 -1.85
N LEU B 142 -25.71 -47.77 -0.62
CA LEU B 142 -24.49 -48.31 -0.01
C LEU B 142 -24.78 -49.62 0.70
N GLY B 143 -25.79 -49.59 1.55
CA GLY B 143 -26.21 -50.75 2.34
C GLY B 143 -27.33 -51.59 1.77
N GLY B 144 -28.19 -50.96 0.98
CA GLY B 144 -29.32 -51.64 0.36
C GLY B 144 -30.66 -51.04 0.79
N ASN B 145 -30.70 -50.34 1.93
CA ASN B 145 -31.96 -49.78 2.45
C ASN B 145 -32.27 -48.31 2.19
N PHE B 146 -31.31 -47.57 1.64
CA PHE B 146 -31.52 -46.14 1.33
C PHE B 146 -31.08 -45.75 -0.07
N ASP B 147 -31.91 -44.92 -0.70
CA ASP B 147 -31.67 -44.46 -2.06
C ASP B 147 -30.78 -43.22 -2.03
N ILE B 148 -29.57 -43.38 -2.55
CA ILE B 148 -28.60 -42.25 -2.64
C ILE B 148 -28.28 -41.94 -4.11
N SER B 149 -29.30 -42.06 -4.94
CA SER B 149 -29.20 -41.81 -6.38
C SER B 149 -28.98 -40.32 -6.69
N LYS B 150 -29.43 -39.45 -5.80
CA LYS B 150 -29.31 -38.03 -6.00
C LYS B 150 -28.77 -37.34 -4.79
N PRO B 151 -28.51 -36.02 -4.85
CA PRO B 151 -28.05 -35.33 -3.65
C PRO B 151 -29.14 -35.31 -2.56
N PHE B 152 -28.74 -35.30 -1.29
CA PHE B 152 -29.68 -35.28 -0.18
C PHE B 152 -29.12 -34.63 1.08
N GLY B 153 -30.02 -34.13 1.91
CA GLY B 153 -29.68 -33.49 3.19
C GLY B 153 -30.30 -34.31 4.31
N LYS B 154 -30.22 -33.80 5.54
CA LYS B 154 -30.79 -34.47 6.73
C LYS B 154 -32.29 -34.76 6.56
N GLU B 155 -33.04 -33.72 6.19
CA GLU B 155 -34.50 -33.79 5.99
C GLU B 155 -34.95 -34.87 5.00
N ASP B 156 -34.15 -35.07 3.95
CA ASP B 156 -34.47 -36.04 2.90
C ASP B 156 -34.27 -37.51 3.26
N ILE B 157 -33.57 -37.82 4.36
CA ILE B 157 -33.28 -39.23 4.72
C ILE B 157 -34.50 -40.17 4.86
N PRO B 158 -35.50 -39.80 5.69
CA PRO B 158 -36.69 -40.68 5.81
C PRO B 158 -37.39 -40.96 4.47
N ASN B 159 -37.42 -39.97 3.58
CA ASN B 159 -38.07 -40.09 2.27
C ASN B 159 -37.32 -40.99 1.29
N LEU B 160 -36.05 -41.29 1.58
CA LEU B 160 -35.20 -42.12 0.71
C LEU B 160 -35.16 -43.59 1.10
N LYS B 161 -35.98 -43.99 2.05
CA LYS B 161 -35.99 -45.37 2.48
C LYS B 161 -36.61 -46.26 1.41
N ILE B 162 -35.80 -47.24 0.98
CA ILE B 162 -36.19 -48.19 -0.04
C ILE B 162 -35.77 -49.63 0.27
N ASN B 163 -35.59 -49.94 1.56
CA ASN B 163 -35.19 -51.29 1.98
C ASN B 163 -36.02 -52.33 1.26
N ASN B 164 -37.33 -52.15 1.37
CA ASN B 164 -38.29 -53.02 0.80
C ASN B 164 -39.55 -52.16 0.73
N ASP C 20 -2.38 -4.59 18.58
CA ASP C 20 -2.29 -5.34 17.30
C ASP C 20 -2.35 -4.39 16.08
N LEU C 21 -1.20 -3.76 15.81
CA LEU C 21 -1.04 -2.80 14.69
C LEU C 21 0.41 -2.50 14.32
N ILE C 22 0.58 -1.58 13.38
CA ILE C 22 1.90 -1.15 12.91
C ILE C 22 2.19 0.25 13.45
N GLY C 23 1.15 1.09 13.59
CA GLY C 23 1.33 2.45 14.11
C GLY C 23 1.96 3.39 13.08
N ASP C 24 2.32 4.60 13.50
CA ASP C 24 2.93 5.61 12.60
C ASP C 24 4.28 5.15 12.07
N ILE C 25 4.49 5.43 10.79
CA ILE C 25 5.66 4.97 10.08
C ILE C 25 6.39 6.15 9.42
N ASP C 26 7.66 6.32 9.76
CA ASP C 26 8.47 7.39 9.21
C ASP C 26 9.08 6.90 7.88
N LEU C 27 8.66 7.49 6.76
CA LEU C 27 9.13 7.09 5.43
C LEU C 27 9.70 8.26 4.65
N SER C 28 10.69 7.98 3.80
CA SER C 28 11.32 9.02 3.00
C SER C 28 11.15 8.72 1.49
N LEU C 29 10.74 9.74 0.75
CA LEU C 29 10.54 9.67 -0.68
C LEU C 29 11.62 10.53 -1.35
N TYR C 30 12.34 9.95 -2.30
CA TYR C 30 13.39 10.69 -3.02
C TYR C 30 12.90 11.13 -4.37
N PHE C 31 12.81 12.45 -4.53
CA PHE C 31 12.35 13.05 -5.78
C PHE C 31 13.51 13.76 -6.46
N ASP C 32 13.23 14.34 -7.62
CA ASP C 32 14.24 15.03 -8.40
C ASP C 32 14.49 16.43 -7.85
N GLY C 33 15.71 16.65 -7.35
CA GLY C 33 16.11 17.95 -6.80
C GLY C 33 17.19 18.60 -7.65
N THR C 34 17.28 18.20 -8.91
CA THR C 34 18.26 18.73 -9.84
C THR C 34 17.70 20.01 -10.42
N LYS C 35 18.53 21.04 -10.56
CA LYS C 35 18.09 22.31 -11.20
C LYS C 35 19.08 22.62 -12.33
N ASP C 36 20.37 22.62 -12.00
CA ASP C 36 21.43 22.93 -13.03
C ASP C 36 21.69 21.90 -14.18
N GLU C 37 21.06 20.75 -14.11
CA GLU C 37 21.17 19.68 -15.15
C GLU C 37 22.59 19.15 -15.48
N GLN C 38 23.61 19.46 -14.69
CA GLN C 38 24.97 18.93 -14.94
C GLN C 38 25.13 17.70 -14.06
N ASN C 39 24.74 17.87 -12.80
CA ASN C 39 24.81 16.80 -11.81
C ASN C 39 23.45 16.38 -11.36
N PRO C 40 23.01 15.14 -11.72
CA PRO C 40 21.69 14.69 -11.27
C PRO C 40 21.69 14.52 -9.76
N LYS C 41 20.66 15.06 -9.11
CA LYS C 41 20.54 15.05 -7.65
C LYS C 41 19.13 14.73 -7.16
N ILE C 42 19.05 13.94 -6.10
CA ILE C 42 17.78 13.55 -5.50
C ILE C 42 17.72 14.09 -4.07
N GLU C 43 16.54 14.54 -3.67
CA GLU C 43 16.36 15.11 -2.33
C GLU C 43 15.21 14.36 -1.66
N GLN C 44 15.32 14.19 -0.35
CA GLN C 44 14.29 13.48 0.38
C GLN C 44 13.12 14.35 0.80
N GLN C 45 11.96 13.71 0.85
CA GLN C 45 10.75 14.32 1.32
C GLN C 45 10.23 13.28 2.28
N GLU C 46 10.23 13.64 3.55
CA GLU C 46 9.78 12.78 4.59
C GLU C 46 8.25 12.83 4.69
N ILE C 47 7.67 11.66 4.97
CA ILE C 47 6.23 11.54 5.16
C ILE C 47 5.93 10.66 6.34
N LEU C 48 4.80 10.97 6.96
CA LEU C 48 4.33 10.26 8.13
C LEU C 48 2.96 9.67 7.94
N VAL C 49 2.91 8.34 7.88
CA VAL C 49 1.67 7.60 7.69
C VAL C 49 1.49 6.47 8.70
N ASP C 50 0.25 6.19 9.06
CA ASP C 50 0.02 5.05 9.97
C ASP C 50 -0.09 3.82 9.08
N GLY C 51 0.29 2.69 9.63
CA GLY C 51 0.26 1.42 8.93
C GLY C 51 -1.09 1.10 8.33
N ASP C 52 -2.15 1.53 9.00
CA ASP C 52 -3.50 1.28 8.52
C ASP C 52 -3.79 1.89 7.12
N GLU C 53 -3.24 3.08 6.83
CA GLU C 53 -3.46 3.66 5.49
C GLU C 53 -2.70 2.89 4.43
N ILE C 54 -1.50 2.46 4.75
CA ILE C 54 -0.68 1.69 3.83
C ILE C 54 -1.34 0.34 3.53
N LEU C 55 -1.87 -0.28 4.57
CA LEU C 55 -2.53 -1.57 4.43
C LEU C 55 -3.83 -1.42 3.66
N GLY C 56 -4.63 -0.43 4.04
CA GLY C 56 -5.91 -0.17 3.36
C GLY C 56 -5.70 0.12 1.89
N GLN C 57 -4.67 0.92 1.61
CA GLN C 57 -4.33 1.26 0.25
C GLN C 57 -3.98 0.01 -0.54
N TYR C 58 -3.24 -0.90 0.09
CA TYR C 58 -2.84 -2.14 -0.57
C TYR C 58 -4.08 -3.00 -0.88
N LEU C 59 -5.00 -3.07 0.09
CA LEU C 59 -6.24 -3.84 -0.06
C LEU C 59 -7.09 -3.34 -1.22
N ILE C 60 -7.29 -2.03 -1.30
CA ILE C 60 -8.09 -1.46 -2.39
C ILE C 60 -7.42 -1.73 -3.72
N GLN C 61 -6.10 -1.62 -3.76
CA GLN C 61 -5.34 -1.91 -4.96
C GLN C 61 -5.52 -3.38 -5.34
N ALA C 62 -5.58 -4.26 -4.33
CA ALA C 62 -5.77 -5.69 -4.58
C ALA C 62 -7.16 -5.99 -5.14
N LEU C 63 -8.18 -5.26 -4.65
CA LEU C 63 -9.56 -5.43 -5.15
C LEU C 63 -9.66 -5.02 -6.61
N ILE C 64 -8.98 -3.94 -6.97
CA ILE C 64 -8.99 -3.43 -8.35
C ILE C 64 -8.31 -4.41 -9.29
N GLN C 65 -7.24 -5.07 -8.82
CA GLN C 65 -6.53 -6.07 -9.64
C GLN C 65 -7.45 -7.25 -9.98
N GLY C 66 -8.44 -7.49 -9.12
CA GLY C 66 -9.42 -8.55 -9.36
C GLY C 66 -9.10 -9.89 -8.76
N PRO C 67 -10.05 -10.84 -8.85
CA PRO C 67 -9.87 -12.18 -8.29
C PRO C 67 -8.97 -13.05 -9.14
N SER C 68 -8.49 -14.14 -8.54
CA SER C 68 -7.65 -15.09 -9.24
C SER C 68 -8.36 -15.68 -10.45
N GLN C 69 -7.64 -15.81 -11.56
CA GLN C 69 -8.17 -16.37 -12.80
C GLN C 69 -8.43 -17.85 -12.63
N LYS C 70 -7.77 -18.45 -11.64
CA LYS C 70 -7.93 -19.87 -11.34
C LYS C 70 -9.17 -20.15 -10.50
N GLY C 71 -9.91 -19.10 -10.14
CA GLY C 71 -11.14 -19.24 -9.36
C GLY C 71 -12.38 -18.91 -10.18
N SER C 72 -13.52 -18.87 -9.51
CA SER C 72 -14.80 -18.60 -10.13
C SER C 72 -15.39 -17.24 -9.78
N LEU C 73 -14.69 -16.44 -8.97
CA LEU C 73 -15.21 -15.15 -8.54
C LEU C 73 -15.10 -14.09 -9.62
N ALA C 74 -15.97 -13.09 -9.54
CA ALA C 74 -16.00 -11.99 -10.49
C ALA C 74 -15.50 -10.69 -9.85
N PRO C 75 -14.96 -9.77 -10.66
CA PRO C 75 -14.49 -8.49 -10.13
C PRO C 75 -15.63 -7.59 -9.63
N ILE C 76 -15.28 -6.66 -8.74
CA ILE C 76 -16.24 -5.71 -8.14
C ILE C 76 -16.04 -4.27 -8.64
N LEU C 77 -14.89 -4.01 -9.28
CA LEU C 77 -14.57 -2.70 -9.85
C LEU C 77 -13.92 -2.92 -11.20
N PRO C 78 -14.08 -1.96 -12.13
CA PRO C 78 -13.45 -2.11 -13.45
C PRO C 78 -11.93 -2.25 -13.34
N LYS C 79 -11.33 -3.07 -14.20
CA LYS C 79 -9.87 -3.31 -14.20
C LYS C 79 -9.06 -2.02 -14.43
N ASP C 80 -9.58 -1.13 -15.27
CA ASP C 80 -8.89 0.12 -15.59
C ASP C 80 -8.99 1.19 -14.46
N THR C 81 -9.76 0.89 -13.41
CA THR C 81 -9.91 1.81 -12.28
C THR C 81 -8.55 2.07 -11.66
N LYS C 82 -8.32 3.31 -11.22
CA LYS C 82 -7.05 3.67 -10.60
C LYS C 82 -7.33 4.32 -9.23
N LEU C 83 -6.54 3.93 -8.24
CA LEU C 83 -6.68 4.48 -6.91
C LEU C 83 -5.90 5.79 -6.88
N LEU C 84 -6.60 6.92 -6.78
CA LEU C 84 -5.94 8.24 -6.74
C LEU C 84 -5.31 8.48 -5.37
N SER C 85 -6.06 8.17 -4.31
CA SER C 85 -5.54 8.34 -2.95
C SER C 85 -6.39 7.57 -1.95
N PHE C 86 -5.78 7.28 -0.81
CA PHE C 86 -6.45 6.59 0.26
C PHE C 86 -6.04 7.26 1.57
N ASP C 87 -7.02 7.71 2.35
CA ASP C 87 -6.77 8.38 3.62
C ASP C 87 -7.79 7.93 4.68
N ILE C 88 -7.37 7.91 5.94
CA ILE C 88 -8.22 7.51 7.05
C ILE C 88 -8.46 8.71 7.96
N LYS C 89 -9.67 9.25 7.94
CA LYS C 89 -10.06 10.36 8.80
C LYS C 89 -10.93 9.80 9.92
N ASP C 90 -10.33 9.68 11.11
CA ASP C 90 -10.98 9.13 12.30
C ASP C 90 -11.32 7.65 12.03
N ASP C 91 -12.60 7.29 11.84
CA ASP C 91 -12.98 5.92 11.57
C ASP C 91 -13.52 5.74 10.15
N ILE C 92 -13.27 6.74 9.29
CA ILE C 92 -13.75 6.71 7.91
C ILE C 92 -12.59 6.57 6.95
N ALA C 93 -12.75 5.67 5.98
CA ALA C 93 -11.75 5.43 4.97
C ALA C 93 -12.18 6.18 3.73
N ILE C 94 -11.42 7.22 3.39
CA ILE C 94 -11.69 8.04 2.21
C ILE C 94 -11.00 7.35 1.02
N ILE C 95 -11.79 6.67 0.20
CA ILE C 95 -11.27 5.93 -0.95
C ILE C 95 -11.53 6.76 -2.19
N ASN C 96 -10.48 7.35 -2.71
CA ASN C 96 -10.57 8.24 -3.86
C ASN C 96 -10.19 7.51 -5.12
N LEU C 97 -11.19 7.26 -5.97
CA LEU C 97 -11.01 6.54 -7.23
C LEU C 97 -11.06 7.46 -8.44
N SER C 98 -10.66 6.93 -9.59
CA SER C 98 -10.67 7.68 -10.84
C SER C 98 -12.05 7.56 -11.49
N LYS C 99 -12.26 8.29 -12.58
CA LYS C 99 -13.53 8.28 -13.34
C LYS C 99 -13.93 6.89 -13.88
N GLU C 100 -12.93 6.04 -14.17
CA GLU C 100 -13.18 4.69 -14.68
C GLU C 100 -14.05 3.82 -13.76
N ALA C 101 -14.10 4.15 -12.46
CA ALA C 101 -14.91 3.40 -11.50
C ALA C 101 -16.42 3.57 -11.72
N ILE C 102 -16.82 4.68 -12.35
CA ILE C 102 -18.23 4.96 -12.63
C ILE C 102 -18.63 4.31 -13.95
N VAL C 103 -19.49 3.29 -13.86
CA VAL C 103 -20.00 2.56 -15.02
C VAL C 103 -21.45 2.19 -14.74
N ASN C 104 -22.15 1.71 -15.77
CA ASN C 104 -23.55 1.33 -15.59
C ASN C 104 -23.59 -0.08 -15.00
N MSE C 105 -24.23 -0.23 -13.84
CA MSE C 105 -24.33 -1.53 -13.15
C MSE C 105 -25.72 -1.83 -12.68
O MSE C 105 -26.54 -0.93 -12.46
CB MSE C 105 -23.51 -1.53 -11.84
CG MSE C 105 -22.03 -1.23 -11.95
SE MSE C 105 -21.21 -1.23 -10.15
CE MSE C 105 -19.61 -0.16 -10.54
N SER C 106 -26.00 -3.12 -12.54
CA SER C 106 -27.30 -3.58 -12.04
C SER C 106 -27.27 -3.37 -10.53
N ALA C 107 -28.45 -3.24 -9.92
CA ALA C 107 -28.52 -3.03 -8.47
C ALA C 107 -27.90 -4.17 -7.66
N THR C 108 -27.97 -5.40 -8.19
CA THR C 108 -27.38 -6.55 -7.51
C THR C 108 -25.85 -6.51 -7.57
N LYS C 109 -25.32 -6.12 -8.73
CA LYS C 109 -23.87 -6.06 -8.92
C LYS C 109 -23.28 -4.91 -8.12
N GLU C 110 -23.94 -3.74 -8.17
CA GLU C 110 -23.48 -2.58 -7.44
C GLU C 110 -23.51 -2.82 -5.94
N GLN C 111 -24.53 -3.54 -5.46
CA GLN C 111 -24.62 -3.83 -4.03
C GLN C 111 -23.47 -4.74 -3.58
N ALA C 112 -23.08 -5.68 -4.46
CA ALA C 112 -21.99 -6.59 -4.15
C ALA C 112 -20.67 -5.82 -4.08
N THR C 113 -20.52 -4.84 -4.97
CA THR C 113 -19.32 -4.01 -5.00
C THR C 113 -19.16 -3.24 -3.70
N LEU C 114 -20.21 -2.56 -3.27
CA LEU C 114 -20.14 -1.78 -2.04
C LEU C 114 -19.94 -2.69 -0.81
N GLU C 115 -20.61 -3.83 -0.78
CA GLU C 115 -20.45 -4.77 0.34
C GLU C 115 -19.05 -5.38 0.33
N GLY C 116 -18.49 -5.59 -0.86
CA GLY C 116 -17.15 -6.16 -1.01
C GLY C 116 -16.06 -5.22 -0.53
N ILE C 117 -16.21 -3.93 -0.84
CA ILE C 117 -15.24 -2.90 -0.43
C ILE C 117 -15.30 -2.78 1.08
N ILE C 118 -16.51 -2.67 1.63
CA ILE C 118 -16.71 -2.57 3.07
C ILE C 118 -16.19 -3.79 3.83
N ALA C 119 -16.56 -4.99 3.38
CA ALA C 119 -16.10 -6.20 4.03
C ALA C 119 -14.58 -6.30 4.01
N THR C 120 -13.96 -5.86 2.92
CA THR C 120 -12.52 -5.90 2.80
C THR C 120 -11.84 -4.84 3.68
N ILE C 121 -12.29 -3.60 3.57
CA ILE C 121 -11.72 -2.49 4.35
C ILE C 121 -12.01 -2.54 5.83
N THR C 122 -13.21 -2.93 6.23
CA THR C 122 -13.53 -2.98 7.67
C THR C 122 -12.76 -4.07 8.42
N GLN C 123 -11.86 -4.78 7.72
CA GLN C 123 -11.03 -5.82 8.35
C GLN C 123 -10.00 -5.01 9.18
N ILE C 124 -9.73 -3.76 8.77
CA ILE C 124 -8.85 -2.86 9.52
C ILE C 124 -9.75 -2.32 10.65
N PRO C 125 -9.51 -2.75 11.91
CA PRO C 125 -10.37 -2.35 13.06
C PRO C 125 -10.68 -0.86 13.20
N SER C 126 -9.74 -0.01 12.84
CA SER C 126 -9.92 1.44 12.96
C SER C 126 -10.98 1.99 12.01
N ILE C 127 -11.35 1.20 11.02
CA ILE C 127 -12.33 1.64 10.03
C ILE C 127 -13.69 1.00 10.24
N ASN C 128 -14.71 1.85 10.28
CA ASN C 128 -16.10 1.41 10.45
C ASN C 128 -16.97 1.88 9.30
N LYS C 129 -16.50 2.87 8.54
CA LYS C 129 -17.26 3.40 7.39
C LYS C 129 -16.32 3.76 6.26
N ILE C 130 -16.88 3.89 5.06
CA ILE C 130 -16.09 4.27 3.89
C ILE C 130 -16.78 5.43 3.19
N ASN C 131 -15.97 6.28 2.56
CA ASN C 131 -16.45 7.43 1.84
C ASN C 131 -15.76 7.36 0.50
N ILE C 132 -16.50 6.96 -0.53
CA ILE C 132 -15.94 6.84 -1.86
C ILE C 132 -16.05 8.16 -2.58
N LEU C 133 -14.94 8.58 -3.19
CA LEU C 133 -14.87 9.81 -3.96
C LEU C 133 -14.35 9.44 -5.33
N VAL C 134 -14.64 10.30 -6.30
CA VAL C 134 -14.19 10.09 -7.67
C VAL C 134 -13.52 11.40 -8.09
N ASP C 135 -12.26 11.30 -8.53
CA ASP C 135 -11.48 12.46 -8.97
C ASP C 135 -11.45 13.57 -7.91
N ASN C 136 -11.19 13.14 -6.68
CA ASN C 136 -11.08 14.02 -5.51
C ASN C 136 -12.40 14.73 -5.15
N GLN C 137 -13.50 14.32 -5.78
CA GLN C 137 -14.79 14.98 -5.58
C GLN C 137 -15.88 14.00 -5.14
N MSE C 138 -16.94 14.55 -4.55
CA MSE C 138 -18.07 13.79 -4.05
C MSE C 138 -18.91 13.34 -5.26
O MSE C 138 -18.93 14.00 -6.31
CB MSE C 138 -18.64 14.65 -2.89
CG MSE C 138 -17.52 15.16 -1.92
SE MSE C 138 -17.94 15.81 -0.07
CE MSE C 138 -16.57 17.22 0.08
N VAL C 139 -19.53 12.16 -5.16
CA VAL C 139 -20.37 11.59 -6.23
C VAL C 139 -21.65 10.97 -5.67
N ASP C 140 -22.72 11.03 -6.46
CA ASP C 140 -24.01 10.48 -6.08
C ASP C 140 -24.04 8.96 -6.16
N SER C 141 -23.41 8.36 -7.17
CA SER C 141 -23.41 6.89 -7.33
C SER C 141 -22.36 6.35 -8.31
N LEU C 142 -21.92 5.11 -8.11
CA LEU C 142 -20.96 4.46 -9.02
C LEU C 142 -21.71 3.79 -10.16
N GLY C 143 -22.72 3.00 -9.79
CA GLY C 143 -23.52 2.25 -10.79
C GLY C 143 -24.59 3.08 -11.58
N GLY C 144 -25.89 2.97 -11.28
CA GLY C 144 -26.42 2.12 -10.22
C GLY C 144 -27.59 2.72 -9.50
N ASN C 145 -28.03 2.10 -8.41
CA ASN C 145 -29.13 2.62 -7.64
C ASN C 145 -28.64 3.05 -6.26
N PHE C 146 -27.32 3.07 -6.00
CA PHE C 146 -26.92 3.41 -4.62
C PHE C 146 -26.34 4.80 -4.42
N ASP C 147 -26.82 5.46 -3.36
CA ASP C 147 -26.40 6.80 -2.99
C ASP C 147 -25.15 6.73 -2.12
N ILE C 148 -24.06 7.30 -2.64
CA ILE C 148 -22.75 7.28 -2.02
C ILE C 148 -22.26 8.69 -1.79
N SER C 149 -23.23 9.57 -1.56
CA SER C 149 -22.98 10.99 -1.36
C SER C 149 -22.29 11.26 -0.03
N LYS C 150 -22.53 10.42 0.97
CA LYS C 150 -21.95 10.61 2.29
C LYS C 150 -21.24 9.31 2.75
N PRO C 151 -20.54 9.35 3.90
CA PRO C 151 -19.89 8.12 4.38
C PRO C 151 -20.93 7.07 4.76
N PHE C 152 -20.59 5.79 4.65
CA PHE C 152 -21.52 4.71 4.98
C PHE C 152 -20.82 3.42 5.41
N GLY C 153 -21.53 2.62 6.19
CA GLY C 153 -21.05 1.34 6.69
C GLY C 153 -21.95 0.25 6.12
N LYS C 154 -21.76 -0.98 6.60
CA LYS C 154 -22.55 -2.14 6.14
C LYS C 154 -24.06 -1.91 6.37
N GLU C 155 -24.40 -1.52 7.61
CA GLU C 155 -25.80 -1.27 8.02
C GLU C 155 -26.54 -0.26 7.15
N ASP C 156 -25.81 0.76 6.69
CA ASP C 156 -26.40 1.83 5.87
C ASP C 156 -26.71 1.47 4.41
N ILE C 157 -26.18 0.36 3.89
CA ILE C 157 -26.40 0.00 2.47
C ILE C 157 -27.87 -0.09 2.00
N PRO C 158 -28.72 -0.89 2.68
CA PRO C 158 -30.14 -0.96 2.25
C PRO C 158 -30.85 0.40 2.21
N ASN C 159 -30.51 1.29 3.16
CA ASN C 159 -31.11 2.62 3.25
C ASN C 159 -30.66 3.59 2.15
N LEU C 160 -29.57 3.26 1.46
CA LEU C 160 -29.03 4.11 0.39
C LEU C 160 -29.51 3.75 -1.03
N LYS C 161 -30.49 2.85 -1.15
CA LYS C 161 -31.04 2.48 -2.48
C LYS C 161 -31.89 3.56 -3.07
N ILE C 162 -31.77 3.78 -4.38
CA ILE C 162 -32.57 4.81 -5.04
C ILE C 162 -33.06 4.26 -6.39
N ASP D 20 12.71 -7.89 8.73
CA ASP D 20 11.22 -8.11 8.79
C ASP D 20 10.48 -7.30 9.88
N LEU D 21 10.07 -6.10 9.49
CA LEU D 21 9.33 -5.18 10.35
C LEU D 21 7.95 -5.72 10.67
N ILE D 22 7.20 -6.12 9.64
CA ILE D 22 5.82 -6.60 9.80
C ILE D 22 5.65 -8.12 9.57
N GLY D 23 6.46 -8.70 8.68
CA GLY D 23 6.38 -10.15 8.40
C GLY D 23 5.16 -10.50 7.55
N ASP D 24 4.88 -11.81 7.40
CA ASP D 24 3.72 -12.26 6.60
C ASP D 24 2.40 -11.84 7.22
N ILE D 25 1.42 -11.55 6.37
CA ILE D 25 0.15 -11.07 6.86
C ILE D 25 -1.03 -11.70 6.09
N ASP D 26 -2.00 -12.18 6.87
CA ASP D 26 -3.17 -12.83 6.33
C ASP D 26 -4.24 -11.79 6.00
N LEU D 27 -4.55 -11.64 4.71
CA LEU D 27 -5.54 -10.66 4.24
C LEU D 27 -6.63 -11.33 3.41
N SER D 28 -7.85 -10.84 3.52
CA SER D 28 -8.98 -11.38 2.75
C SER D 28 -9.54 -10.34 1.81
N LEU D 29 -9.75 -10.75 0.55
CA LEU D 29 -10.31 -9.91 -0.47
C LEU D 29 -11.69 -10.46 -0.79
N TYR D 30 -12.71 -9.59 -0.77
CA TYR D 30 -14.08 -10.00 -1.09
C TYR D 30 -14.44 -9.60 -2.50
N PHE D 31 -14.65 -10.60 -3.35
CA PHE D 31 -15.04 -10.38 -4.75
C PHE D 31 -16.48 -10.79 -4.97
N ASP D 32 -16.95 -10.60 -6.20
CA ASP D 32 -18.33 -10.90 -6.55
C ASP D 32 -18.52 -12.40 -6.80
N GLY D 33 -19.32 -13.04 -5.95
CA GLY D 33 -19.60 -14.48 -6.07
C GLY D 33 -21.05 -14.76 -6.48
N THR D 34 -21.67 -13.82 -7.17
CA THR D 34 -23.07 -13.92 -7.60
C THR D 34 -23.34 -14.79 -8.86
N LYS D 35 -24.42 -15.55 -8.77
CA LYS D 35 -24.91 -16.41 -9.87
C LYS D 35 -26.32 -15.99 -10.19
N ASP D 36 -27.18 -16.05 -9.17
CA ASP D 36 -28.58 -15.65 -9.31
C ASP D 36 -28.69 -14.14 -9.22
N GLU D 37 -29.00 -13.50 -10.35
CA GLU D 37 -29.18 -12.04 -10.42
C GLU D 37 -30.02 -11.34 -9.32
N GLN D 38 -30.86 -12.11 -8.65
CA GLN D 38 -31.72 -11.58 -7.57
C GLN D 38 -31.14 -11.68 -6.14
N ASN D 39 -30.10 -12.51 -5.92
CA ASN D 39 -29.45 -12.62 -4.60
C ASN D 39 -27.97 -12.27 -4.72
N PRO D 40 -27.57 -11.06 -4.29
CA PRO D 40 -26.18 -10.67 -4.39
C PRO D 40 -25.31 -11.37 -3.36
N LYS D 41 -24.09 -11.69 -3.71
CA LYS D 41 -23.24 -12.30 -2.69
C LYS D 41 -21.75 -12.08 -3.00
N ILE D 42 -20.98 -11.95 -1.93
CA ILE D 42 -19.53 -11.76 -2.01
C ILE D 42 -18.84 -12.97 -1.38
N GLU D 43 -17.74 -13.42 -1.98
CA GLU D 43 -16.95 -14.56 -1.48
C GLU D 43 -15.51 -14.13 -1.23
N GLN D 44 -14.91 -14.65 -0.16
CA GLN D 44 -13.55 -14.28 0.20
C GLN D 44 -12.51 -15.04 -0.59
N GLN D 45 -11.39 -14.36 -0.78
CA GLN D 45 -10.23 -14.92 -1.42
C GLN D 45 -9.11 -14.47 -0.50
N GLU D 46 -8.52 -15.42 0.22
CA GLU D 46 -7.41 -15.10 1.09
C GLU D 46 -6.13 -14.94 0.33
N ILE D 47 -5.31 -14.03 0.81
CA ILE D 47 -3.99 -13.80 0.24
C ILE D 47 -2.99 -13.63 1.35
N LEU D 48 -1.78 -14.07 1.03
CA LEU D 48 -0.67 -14.04 1.97
C LEU D 48 0.50 -13.27 1.44
N VAL D 49 0.74 -12.10 2.03
CA VAL D 49 1.83 -11.21 1.61
C VAL D 49 2.69 -10.77 2.80
N ASP D 50 3.97 -10.52 2.52
CA ASP D 50 4.85 -10.02 3.59
C ASP D 50 4.68 -8.49 3.57
N GLY D 51 4.88 -7.90 4.74
CA GLY D 51 4.75 -6.47 4.92
C GLY D 51 5.62 -5.67 3.99
N ASP D 52 6.79 -6.22 3.64
CA ASP D 52 7.70 -5.53 2.75
C ASP D 52 7.10 -5.24 1.36
N GLU D 53 6.29 -6.15 0.82
CA GLU D 53 5.65 -5.90 -0.48
C GLU D 53 4.61 -4.81 -0.36
N ILE D 54 3.84 -4.84 0.72
CA ILE D 54 2.81 -3.84 0.95
C ILE D 54 3.42 -2.45 1.12
N LEU D 55 4.53 -2.40 1.87
CA LEU D 55 5.23 -1.15 2.11
C LEU D 55 5.88 -0.63 0.83
N GLY D 56 6.58 -1.51 0.13
CA GLY D 56 7.22 -1.15 -1.13
C GLY D 56 6.20 -0.66 -2.12
N GLN D 57 5.08 -1.35 -2.20
CA GLN D 57 4.01 -0.97 -3.10
C GLN D 57 3.51 0.44 -2.76
N TYR D 58 3.37 0.72 -1.47
CA TYR D 58 2.91 2.04 -1.02
C TYR D 58 3.92 3.12 -1.43
N LEU D 59 5.21 2.83 -1.22
CA LEU D 59 6.29 3.75 -1.57
C LEU D 59 6.31 4.09 -3.05
N ILE D 60 6.21 3.08 -3.92
CA ILE D 60 6.17 3.34 -5.37
C ILE D 60 4.94 4.16 -5.74
N GLN D 61 3.82 3.89 -5.07
CA GLN D 61 2.59 4.63 -5.33
C GLN D 61 2.82 6.07 -4.94
N ALA D 62 3.53 6.26 -3.83
CA ALA D 62 3.80 7.60 -3.34
C ALA D 62 4.71 8.38 -4.29
N LEU D 63 5.67 7.70 -4.91
CA LEU D 63 6.57 8.35 -5.87
C LEU D 63 5.80 8.80 -7.09
N ILE D 64 4.86 7.97 -7.55
CA ILE D 64 4.03 8.29 -8.72
C ILE D 64 3.14 9.50 -8.44
N GLN D 65 2.60 9.58 -7.23
CA GLN D 65 1.77 10.74 -6.85
C GLN D 65 2.56 12.05 -6.93
N GLY D 66 3.89 11.96 -6.78
CA GLY D 66 4.77 13.12 -6.89
C GLY D 66 5.06 13.85 -5.59
N PRO D 67 5.96 14.84 -5.65
CA PRO D 67 6.32 15.62 -4.47
C PRO D 67 5.27 16.64 -4.12
N SER D 68 5.34 17.19 -2.92
CA SER D 68 4.41 18.22 -2.51
C SER D 68 4.50 19.42 -3.43
N GLN D 69 3.36 19.97 -3.82
CA GLN D 69 3.31 21.16 -4.67
C GLN D 69 3.86 22.39 -3.92
N LYS D 70 3.87 22.31 -2.59
CA LYS D 70 4.38 23.39 -1.74
C LYS D 70 5.90 23.35 -1.60
N GLY D 71 6.54 22.38 -2.25
CA GLY D 71 7.99 22.22 -2.19
C GLY D 71 8.63 22.52 -3.50
N SER D 72 9.94 22.30 -3.55
CA SER D 72 10.73 22.59 -4.73
C SER D 72 11.19 21.37 -5.51
N LEU D 73 10.83 20.17 -5.06
CA LEU D 73 11.25 18.95 -5.74
C LEU D 73 10.40 18.69 -6.98
N ALA D 74 10.98 17.97 -7.93
CA ALA D 74 10.30 17.66 -9.18
C ALA D 74 9.98 16.18 -9.23
N PRO D 75 8.92 15.82 -9.99
CA PRO D 75 8.58 14.40 -10.10
C PRO D 75 9.62 13.58 -10.86
N ILE D 76 9.64 12.27 -10.58
CA ILE D 76 10.55 11.32 -11.22
C ILE D 76 9.86 10.38 -12.21
N LEU D 77 8.53 10.30 -12.16
CA LEU D 77 7.72 9.47 -13.06
C LEU D 77 6.50 10.29 -13.49
N PRO D 78 5.95 10.02 -14.69
CA PRO D 78 4.75 10.73 -15.12
C PRO D 78 3.57 10.51 -14.17
N LYS D 79 2.75 11.54 -13.98
CA LYS D 79 1.59 11.47 -13.06
C LYS D 79 0.59 10.39 -13.45
N ASP D 80 0.39 10.22 -14.76
CA ASP D 80 -0.58 9.22 -15.25
C ASP D 80 -0.06 7.77 -15.16
N THR D 81 1.20 7.58 -14.73
CA THR D 81 1.78 6.23 -14.57
C THR D 81 0.94 5.44 -13.57
N LYS D 82 0.76 4.15 -13.82
CA LYS D 82 -0.02 3.28 -12.93
C LYS D 82 0.83 2.07 -12.54
N LEU D 83 0.79 1.73 -11.25
CA LEU D 83 1.54 0.59 -10.74
C LEU D 83 0.69 -0.64 -10.99
N LEU D 84 1.11 -1.50 -11.92
CA LEU D 84 0.38 -2.71 -12.24
C LEU D 84 0.55 -3.77 -11.13
N SER D 85 1.77 -3.94 -10.66
CA SER D 85 2.05 -4.90 -9.60
C SER D 85 3.42 -4.65 -9.00
N PHE D 86 3.60 -5.13 -7.77
CA PHE D 86 4.85 -5.00 -7.06
C PHE D 86 5.10 -6.32 -6.33
N ASP D 87 6.25 -6.92 -6.59
CA ASP D 87 6.60 -8.20 -5.97
C ASP D 87 8.08 -8.21 -5.59
N ILE D 88 8.41 -8.94 -4.53
CA ILE D 88 9.79 -9.07 -4.06
C ILE D 88 10.27 -10.51 -4.24
N LYS D 89 11.18 -10.72 -5.19
CA LYS D 89 11.76 -12.05 -5.43
C LYS D 89 13.17 -12.04 -4.87
N ASP D 90 13.34 -12.68 -3.71
CA ASP D 90 14.62 -12.74 -3.00
C ASP D 90 15.00 -11.31 -2.57
N ASP D 91 16.01 -10.70 -3.19
CA ASP D 91 16.43 -9.34 -2.83
C ASP D 91 16.14 -8.35 -3.96
N ILE D 92 15.32 -8.76 -4.93
CA ILE D 92 14.98 -7.92 -6.07
C ILE D 92 13.52 -7.50 -5.99
N ALA D 93 13.28 -6.20 -6.22
CA ALA D 93 11.94 -5.64 -6.22
C ALA D 93 11.49 -5.51 -7.66
N ILE D 94 10.49 -6.31 -8.02
CA ILE D 94 9.95 -6.31 -9.38
C ILE D 94 8.88 -5.23 -9.41
N ILE D 95 9.21 -4.10 -10.01
CA ILE D 95 8.30 -2.97 -10.11
C ILE D 95 7.70 -2.96 -11.50
N ASN D 96 6.44 -3.38 -11.59
CA ASN D 96 5.74 -3.47 -12.85
C ASN D 96 4.87 -2.25 -13.09
N LEU D 97 5.29 -1.42 -14.05
CA LEU D 97 4.58 -0.18 -14.38
C LEU D 97 3.81 -0.29 -15.69
N SER D 98 2.95 0.69 -15.94
CA SER D 98 2.16 0.74 -17.17
C SER D 98 2.97 1.44 -18.26
N LYS D 99 2.43 1.44 -19.48
CA LYS D 99 3.08 2.07 -20.65
C LYS D 99 3.35 3.59 -20.47
N GLU D 100 2.52 4.27 -19.67
CA GLU D 100 2.68 5.71 -19.42
C GLU D 100 4.05 6.08 -18.82
N ALA D 101 4.72 5.13 -18.20
CA ALA D 101 6.05 5.38 -17.59
C ALA D 101 7.13 5.62 -18.64
N ILE D 102 6.93 5.12 -19.85
CA ILE D 102 7.90 5.28 -20.94
C ILE D 102 7.65 6.60 -21.67
N VAL D 103 8.57 7.54 -21.51
CA VAL D 103 8.50 8.87 -22.16
C VAL D 103 9.91 9.28 -22.55
N ASN D 104 10.02 10.35 -23.33
CA ASN D 104 11.34 10.84 -23.77
C ASN D 104 11.92 11.68 -22.63
N MSE D 105 13.10 11.29 -22.15
CA MSE D 105 13.77 12.01 -21.05
C MSE D 105 15.22 12.27 -21.33
O MSE D 105 15.85 11.54 -22.11
CB MSE D 105 13.80 11.17 -19.76
CG MSE D 105 12.46 10.72 -19.20
SE MSE D 105 12.77 9.60 -17.59
CE MSE D 105 11.05 8.63 -17.57
N SER D 106 15.76 13.31 -20.69
CA SER D 106 17.17 13.65 -20.81
C SER D 106 17.92 12.65 -19.94
N ALA D 107 19.19 12.43 -20.24
CA ALA D 107 20.00 11.49 -19.46
C ALA D 107 20.14 11.89 -17.99
N THR D 108 20.14 13.18 -17.70
CA THR D 108 20.24 13.66 -16.32
C THR D 108 18.92 13.42 -15.58
N LYS D 109 17.78 13.62 -16.25
CA LYS D 109 16.48 13.41 -15.62
C LYS D 109 16.23 11.92 -15.41
N GLU D 110 16.54 11.11 -16.42
CA GLU D 110 16.34 9.67 -16.33
C GLU D 110 17.22 9.07 -15.23
N GLN D 111 18.45 9.58 -15.08
CA GLN D 111 19.34 9.07 -14.05
C GLN D 111 18.79 9.39 -12.66
N ALA D 112 18.16 10.56 -12.51
CA ALA D 112 17.58 10.96 -11.22
C ALA D 112 16.40 10.05 -10.90
N THR D 113 15.62 9.70 -11.91
CA THR D 113 14.48 8.82 -11.74
C THR D 113 14.91 7.45 -11.21
N LEU D 114 15.89 6.84 -11.86
CA LEU D 114 16.37 5.53 -11.45
C LEU D 114 17.01 5.58 -10.05
N GLU D 115 17.79 6.63 -9.79
CA GLU D 115 18.42 6.78 -8.46
C GLU D 115 17.35 7.03 -7.39
N GLY D 116 16.28 7.75 -7.75
CA GLY D 116 15.19 8.05 -6.81
C GLY D 116 14.40 6.83 -6.42
N ILE D 117 14.11 5.97 -7.40
CA ILE D 117 13.37 4.74 -7.16
C ILE D 117 14.22 3.84 -6.27
N ILE D 118 15.49 3.68 -6.62
CA ILE D 118 16.41 2.86 -5.85
C ILE D 118 16.59 3.37 -4.42
N ALA D 119 16.85 4.66 -4.27
CA ALA D 119 17.04 5.24 -2.94
C ALA D 119 15.79 5.06 -2.08
N THR D 120 14.63 5.18 -2.71
CA THR D 120 13.37 5.02 -1.99
C THR D 120 13.12 3.56 -1.61
N ILE D 121 13.22 2.66 -2.59
CA ILE D 121 12.97 1.24 -2.37
C ILE D 121 13.99 0.52 -1.52
N THR D 122 15.27 0.82 -1.72
CA THR D 122 16.33 0.16 -0.91
C THR D 122 16.27 0.51 0.58
N GLN D 123 15.29 1.29 0.97
CA GLN D 123 15.06 1.66 2.35
C GLN D 123 14.55 0.40 3.04
N ILE D 124 13.90 -0.46 2.26
CA ILE D 124 13.40 -1.74 2.75
C ILE D 124 14.66 -2.64 2.72
N PRO D 125 15.21 -3.01 3.91
CA PRO D 125 16.45 -3.81 4.00
C PRO D 125 16.56 -5.05 3.13
N SER D 126 15.45 -5.77 2.97
CA SER D 126 15.43 -6.98 2.14
C SER D 126 15.68 -6.71 0.64
N ILE D 127 15.60 -5.45 0.22
CA ILE D 127 15.79 -5.11 -1.19
C ILE D 127 17.14 -4.45 -1.44
N ASN D 128 17.87 -5.00 -2.42
CA ASN D 128 19.18 -4.48 -2.83
C ASN D 128 19.19 -4.09 -4.30
N LYS D 129 18.23 -4.59 -5.08
CA LYS D 129 18.14 -4.29 -6.50
C LYS D 129 16.69 -4.14 -6.94
N ILE D 130 16.49 -3.53 -8.09
CA ILE D 130 15.15 -3.35 -8.64
C ILE D 130 15.15 -3.83 -10.09
N ASN D 131 13.99 -4.33 -10.51
CA ASN D 131 13.80 -4.81 -11.86
C ASN D 131 12.52 -4.15 -12.32
N ILE D 132 12.65 -3.15 -13.19
CA ILE D 132 11.50 -2.43 -13.70
C ILE D 132 10.97 -3.12 -14.93
N LEU D 133 9.66 -3.34 -14.95
CA LEU D 133 8.95 -3.97 -16.07
C LEU D 133 7.84 -3.03 -16.49
N VAL D 134 7.41 -3.15 -17.74
CA VAL D 134 6.34 -2.34 -18.29
C VAL D 134 5.34 -3.30 -18.89
N ASP D 135 4.06 -3.16 -18.52
CA ASP D 135 2.97 -4.05 -18.99
C ASP D 135 3.34 -5.55 -18.83
N ASN D 136 3.84 -5.90 -17.63
CA ASN D 136 4.26 -7.27 -17.26
C ASN D 136 5.42 -7.81 -18.12
N GLN D 137 6.06 -6.96 -18.94
CA GLN D 137 7.16 -7.41 -19.82
C GLN D 137 8.45 -6.62 -19.62
N MSE D 138 9.54 -7.19 -20.12
CA MSE D 138 10.87 -6.55 -20.02
C MSE D 138 10.96 -5.42 -20.99
O MSE D 138 10.31 -5.43 -22.04
CB MSE D 138 12.02 -7.54 -20.10
CG MSE D 138 12.54 -7.90 -21.49
SE MSE D 138 14.52 -8.02 -21.45
CE MSE D 138 14.75 -9.92 -20.97
N VAL D 139 11.76 -4.41 -20.63
CA VAL D 139 11.97 -3.23 -21.46
C VAL D 139 13.42 -2.78 -21.44
N ASP D 140 13.85 -2.21 -22.57
CA ASP D 140 15.23 -1.74 -22.72
C ASP D 140 15.49 -0.45 -21.96
N SER D 141 14.52 0.47 -21.96
CA SER D 141 14.69 1.77 -21.29
C SER D 141 13.39 2.56 -21.09
N LEU D 142 13.36 3.40 -20.06
CA LEU D 142 12.19 4.25 -19.79
C LEU D 142 12.30 5.55 -20.54
N GLY D 143 13.44 6.21 -20.39
CA GLY D 143 13.73 7.48 -21.03
C GLY D 143 14.48 7.41 -22.34
N GLY D 144 15.29 6.37 -22.52
CA GLY D 144 16.08 6.19 -23.73
C GLY D 144 17.58 6.16 -23.46
N ASN D 145 18.04 6.77 -22.34
CA ASN D 145 19.50 6.81 -22.02
C ASN D 145 20.04 5.73 -21.06
N PHE D 146 19.20 4.88 -20.50
CA PHE D 146 19.65 3.83 -19.56
C PHE D 146 19.04 2.47 -19.84
N ASP D 147 19.88 1.44 -19.75
CA ASP D 147 19.50 0.07 -20.00
C ASP D 147 18.94 -0.57 -18.73
N ILE D 148 17.64 -0.84 -18.74
CA ILE D 148 16.96 -1.48 -17.60
C ILE D 148 16.42 -2.87 -18.00
N SER D 149 17.20 -3.55 -18.85
CA SER D 149 16.86 -4.87 -19.34
C SER D 149 16.94 -5.95 -18.26
N LYS D 150 17.82 -5.75 -17.28
CA LYS D 150 18.01 -6.72 -16.21
C LYS D 150 17.91 -6.01 -14.84
N PRO D 151 17.93 -6.78 -13.74
CA PRO D 151 17.87 -6.14 -12.42
C PRO D 151 19.14 -5.29 -12.17
N PHE D 152 19.00 -4.23 -11.37
CA PHE D 152 20.14 -3.35 -11.09
C PHE D 152 20.02 -2.63 -9.74
N GLY D 153 21.16 -2.26 -9.19
CA GLY D 153 21.26 -1.55 -7.92
C GLY D 153 21.88 -0.19 -8.18
N LYS D 154 22.20 0.54 -7.10
CA LYS D 154 22.81 1.89 -7.21
C LYS D 154 24.13 1.83 -7.99
N GLU D 155 25.01 0.92 -7.58
CA GLU D 155 26.34 0.73 -8.20
C GLU D 155 26.30 0.49 -9.71
N ASP D 156 25.28 -0.24 -10.16
CA ASP D 156 25.14 -0.58 -11.58
C ASP D 156 24.67 0.54 -12.50
N ILE D 157 24.15 1.65 -11.97
CA ILE D 157 23.63 2.76 -12.82
C ILE D 157 24.60 3.33 -13.87
N PRO D 158 25.81 3.79 -13.46
CA PRO D 158 26.75 4.33 -14.46
C PRO D 158 27.09 3.35 -15.61
N ASN D 159 27.17 2.06 -15.29
CA ASN D 159 27.48 1.00 -16.27
C ASN D 159 26.35 0.72 -17.26
N LEU D 160 25.14 1.18 -16.95
CA LEU D 160 23.96 0.94 -17.81
C LEU D 160 23.66 2.07 -18.80
N LYS D 161 24.58 3.01 -18.98
CA LYS D 161 24.31 4.14 -19.93
C LYS D 161 23.94 3.92 -21.44
N ILE D 162 24.28 2.80 -22.08
CA ILE D 162 23.95 2.60 -23.53
C ILE D 162 23.96 3.92 -24.33
MG MG E . 14.62 23.91 0.14
CL CL F . -26.51 -26.28 7.20
MG MG G . -15.28 -23.99 -3.73
C1 PEG H . -7.42 -38.20 12.40
O1 PEG H . -6.17 -38.78 12.76
C2 PEG H . -7.29 -37.40 11.12
O2 PEG H . -7.49 -38.23 9.97
C3 PEG H . -7.37 -37.55 8.72
C4 PEG H . -5.90 -37.50 8.28
O4 PEG H . -5.69 -38.31 7.12
#